data_3R44
#
_entry.id   3R44
#
_cell.length_a   57.000
_cell.length_b   57.000
_cell.length_c   249.180
_cell.angle_alpha   90.00
_cell.angle_beta   90.00
_cell.angle_gamma   120.00
#
_symmetry.space_group_name_H-M   'P 31 2 1'
#
loop_
_entity.id
_entity.type
_entity.pdbx_description
1 polymer 'fatty acyl CoA synthetase FADD13 (FATTY-ACYL-CoA SYNTHETASE)'
2 non-polymer HISTIDINE
3 non-polymer 'MALONATE ION'
4 water water
#
_entity_poly.entity_id   1
_entity_poly.type   'polypeptide(L)'
_entity_poly.pdbx_seq_one_letter_code
;MAHHHHHHVDDDDKMKNIGWMLRQRATVSPRLQAYVEPSTDVRMTYAQMNALANRCADVLTALGIAKGDRVALLMPNSVE
FCCLFYGAAKLGAVAVPINTRLAAPEVSFILSDSGSKVVIYGAPSAPVIDAIRAQADPPGTVTDWIGADSLAERLRSAAA
DEPAVECGGDDNLFIMYTSGTTGHPKGVVHTHESVHSAASSWASTIDVRYRDRLLLPLPMFHVAALTTVIFSAMRGVTLI
SMPQFDATKVWSLIVEERVCIGGAVPAILNFMRQVPEFAELDAPDFRYFITGGAPMPEALIKIYAAKNIEVVQGYALTES
CGGGTLLLSEDALRKAGSAGRATMFTDVAVRGDDGVIREHGEGEVVIKSDILLKEYWNRPEATRDAFDNGWFRTGDIGEI
DDEGYLYIKDRLKDMIISGGENVYPAEIESVIIGVPGVSEVAVIGLPDEKWGEIAAAIVVADQNEVSEQQIVEYCGTRLA
RYKLPKKVIFAEAIPRNPTGKILKTVLREQYSATVPK
;
_entity_poly.pdbx_strand_id   A
#
# COMPACT_ATOMS: atom_id res chain seq x y z
N ASP A 12 -15.17 -8.37 -27.01
CA ASP A 12 -14.25 -7.20 -27.17
C ASP A 12 -13.99 -6.69 -25.65
N ASP A 13 -12.68 -6.87 -25.42
CA ASP A 13 -12.12 -6.64 -24.07
C ASP A 13 -12.04 -5.14 -23.74
N LYS A 14 -12.31 -4.26 -24.70
CA LYS A 14 -12.42 -2.83 -24.40
C LYS A 14 -13.44 -2.56 -23.31
N MET A 15 -14.50 -3.36 -23.25
CA MET A 15 -15.51 -3.20 -22.22
C MET A 15 -14.92 -3.50 -20.83
N LYS A 16 -13.77 -4.20 -20.80
CA LYS A 16 -13.08 -4.52 -19.56
C LYS A 16 -11.74 -3.78 -19.51
N ASN A 17 -11.71 -2.56 -20.03
CA ASN A 17 -10.50 -1.77 -20.03
C ASN A 17 -10.65 -0.57 -19.07
N ILE A 18 -9.70 -0.41 -18.16
CA ILE A 18 -9.77 0.62 -17.14
C ILE A 18 -9.75 2.01 -17.77
N GLY A 19 -9.00 2.17 -18.87
CA GLY A 19 -9.00 3.42 -19.62
C GLY A 19 -10.34 3.72 -20.29
N TRP A 20 -11.05 2.69 -20.72
CA TRP A 20 -12.38 2.86 -21.32
C TRP A 20 -13.37 3.19 -20.23
N MET A 21 -13.12 2.63 -19.05
CA MET A 21 -13.93 3.00 -17.90
C MET A 21 -13.90 4.49 -17.63
N LEU A 22 -12.74 5.09 -17.70
CA LEU A 22 -12.67 6.53 -17.55
C LEU A 22 -13.51 7.24 -18.60
N ARG A 23 -13.43 6.77 -19.84
CA ARG A 23 -14.23 7.37 -20.91
C ARG A 23 -15.72 7.26 -20.60
N GLN A 24 -16.14 6.16 -20.02
CA GLN A 24 -17.54 5.95 -19.66
C GLN A 24 -17.94 6.88 -18.54
N ARG A 25 -17.04 7.14 -17.58
CA ARG A 25 -17.34 8.12 -16.49
C ARG A 25 -17.43 9.51 -17.09
N ALA A 26 -16.60 9.77 -18.12
CA ALA A 26 -16.66 11.03 -18.80
C ALA A 26 -17.94 11.16 -19.66
N THR A 27 -18.62 10.07 -19.91
CA THR A 27 -19.89 10.12 -20.65
C THR A 27 -21.12 10.28 -19.69
N VAL A 28 -21.11 9.59 -18.57
CA VAL A 28 -22.18 9.71 -17.56
C VAL A 28 -22.13 11.10 -16.94
N SER A 29 -20.91 11.57 -16.67
CA SER A 29 -20.69 12.74 -15.82
C SER A 29 -19.60 13.62 -16.37
N PRO A 30 -19.76 14.15 -17.58
CA PRO A 30 -18.66 14.84 -18.24
C PRO A 30 -18.21 16.09 -17.51
N ARG A 31 -19.15 16.75 -16.86
CA ARG A 31 -18.85 18.04 -16.24
C ARG A 31 -18.61 17.95 -14.74
N LEU A 32 -18.65 16.75 -14.22
CA LEU A 32 -18.32 16.53 -12.85
C LEU A 32 -16.83 16.73 -12.63
N GLN A 33 -16.44 17.49 -11.60
CA GLN A 33 -15.01 17.59 -11.29
C GLN A 33 -14.32 16.25 -11.02
N ALA A 34 -13.21 16.03 -11.72
CA ALA A 34 -12.45 14.77 -11.58
C ALA A 34 -11.19 14.90 -10.73
N TYR A 35 -10.54 16.05 -10.84
CA TYR A 35 -9.18 16.27 -10.25
C TYR A 35 -9.02 17.72 -9.92
N VAL A 36 -8.81 18.04 -8.64
CA VAL A 36 -8.68 19.39 -8.16
C VAL A 36 -7.38 19.41 -7.34
N GLU A 37 -6.41 20.23 -7.74
CA GLU A 37 -5.11 20.34 -7.05
C GLU A 37 -4.85 21.84 -6.84
N PRO A 38 -5.34 22.42 -5.71
CA PRO A 38 -5.30 23.87 -5.56
C PRO A 38 -3.89 24.45 -5.60
N SER A 39 -2.91 23.72 -5.06
CA SER A 39 -1.49 24.14 -5.04
C SER A 39 -0.93 24.43 -6.45
N THR A 40 -1.38 23.72 -7.47
CA THR A 40 -0.91 23.95 -8.86
C THR A 40 -2.01 24.53 -9.75
N ASP A 41 -3.10 24.96 -9.14
CA ASP A 41 -4.28 25.50 -9.79
C ASP A 41 -4.90 24.64 -10.88
N VAL A 42 -5.00 23.34 -10.64
CA VAL A 42 -5.62 22.37 -11.56
C VAL A 42 -7.07 22.10 -11.07
N ARG A 43 -8.06 22.25 -11.93
CA ARG A 43 -9.46 21.94 -11.59
C ARG A 43 -10.08 21.36 -12.87
N MET A 44 -10.10 20.06 -13.00
CA MET A 44 -10.47 19.43 -14.28
C MET A 44 -11.69 18.57 -14.13
N THR A 45 -12.57 18.62 -15.15
CA THR A 45 -13.73 17.76 -15.19
C THR A 45 -13.38 16.37 -15.73
N TYR A 46 -14.31 15.45 -15.59
CA TYR A 46 -14.09 14.09 -16.15
C TYR A 46 -13.85 14.12 -17.66
N ALA A 47 -14.61 14.95 -18.37
CA ALA A 47 -14.37 15.09 -19.83
C ALA A 47 -12.93 15.58 -20.10
N GLN A 48 -12.45 16.55 -19.32
CA GLN A 48 -11.06 17.02 -19.50
C GLN A 48 -10.02 15.98 -19.13
N MET A 49 -10.30 15.22 -18.07
CA MET A 49 -9.37 14.22 -17.67
C MET A 49 -9.26 13.14 -18.77
N ASN A 50 -10.42 12.70 -19.30
CA ASN A 50 -10.43 11.71 -20.36
C ASN A 50 -9.63 12.25 -21.57
N ALA A 51 -9.82 13.53 -21.92
CA ALA A 51 -9.08 14.14 -23.04
C ALA A 51 -7.59 14.18 -22.78
N LEU A 52 -7.17 14.45 -21.56
CA LEU A 52 -5.75 14.45 -21.28
C LEU A 52 -5.20 13.01 -21.30
N ALA A 53 -5.95 12.03 -20.80
CA ALA A 53 -5.53 10.64 -20.96
C ALA A 53 -5.31 10.27 -22.42
N ASN A 54 -6.17 10.77 -23.31
CA ASN A 54 -6.01 10.54 -24.73
C ASN A 54 -4.74 11.17 -25.27
N ARG A 55 -4.50 12.41 -24.86
CA ARG A 55 -3.21 13.06 -25.20
C ARG A 55 -1.98 12.27 -24.66
N CYS A 56 -2.06 11.74 -23.44
CA CYS A 56 -0.99 10.91 -22.88
C CYS A 56 -0.79 9.67 -23.75
N ALA A 57 -1.91 9.05 -24.18
CA ALA A 57 -1.84 7.87 -25.02
C ALA A 57 -1.18 8.19 -26.37
N ASP A 58 -1.51 9.37 -26.91
CA ASP A 58 -0.93 9.85 -28.16
C ASP A 58 0.59 10.01 -28.03
N VAL A 59 1.01 10.61 -26.93
CA VAL A 59 2.44 10.80 -26.63
C VAL A 59 3.12 9.44 -26.47
N LEU A 60 2.54 8.52 -25.71
CA LEU A 60 3.14 7.20 -25.63
C LEU A 60 3.23 6.43 -26.93
N THR A 61 2.19 6.52 -27.76
CA THR A 61 2.17 5.91 -29.07
C THR A 61 3.36 6.47 -29.87
N ALA A 62 3.55 7.77 -29.76
CA ALA A 62 4.61 8.44 -30.53
C ALA A 62 6.01 7.89 -30.18
N LEU A 63 6.16 7.43 -28.94
CA LEU A 63 7.39 6.89 -28.40
C LEU A 63 7.56 5.39 -28.64
N GLY A 64 6.60 4.74 -29.28
CA GLY A 64 6.81 3.35 -29.66
C GLY A 64 6.13 2.42 -28.70
N ILE A 65 5.41 2.98 -27.72
CA ILE A 65 4.70 2.12 -26.76
C ILE A 65 3.50 1.42 -27.43
N ALA A 66 3.46 0.11 -27.28
CA ALA A 66 2.40 -0.70 -27.84
C ALA A 66 1.90 -1.60 -26.74
N LYS A 67 0.91 -2.40 -27.08
CA LYS A 67 0.34 -3.35 -26.13
C LYS A 67 1.41 -4.21 -25.45
N GLY A 68 1.41 -4.18 -24.14
CA GLY A 68 2.27 -5.03 -23.31
C GLY A 68 3.58 -4.32 -22.90
N ASP A 69 3.94 -3.23 -23.59
CA ASP A 69 5.22 -2.49 -23.33
C ASP A 69 5.13 -1.75 -21.96
N ARG A 70 6.25 -1.69 -21.23
CA ARG A 70 6.25 -1.07 -19.90
C ARG A 70 6.72 0.35 -19.95
N VAL A 71 5.96 1.23 -19.29
CA VAL A 71 6.26 2.67 -19.16
C VAL A 71 6.46 2.91 -17.66
N ALA A 72 7.68 3.21 -17.27
CA ALA A 72 7.94 3.51 -15.85
C ALA A 72 7.55 4.95 -15.55
N LEU A 73 7.03 5.16 -14.35
CA LEU A 73 6.55 6.47 -13.89
C LEU A 73 7.25 6.78 -12.60
N LEU A 74 8.13 7.79 -12.65
CA LEU A 74 8.90 8.22 -11.46
C LEU A 74 8.70 9.71 -11.23
N MET A 75 7.59 10.06 -10.60
CA MET A 75 7.18 11.44 -10.56
C MET A 75 6.26 11.73 -9.38
N PRO A 76 6.11 13.02 -9.10
CA PRO A 76 5.22 13.44 -8.04
C PRO A 76 3.79 13.24 -8.41
N ASN A 77 2.95 13.25 -7.40
CA ASN A 77 1.51 13.19 -7.66
C ASN A 77 1.10 14.38 -8.54
N SER A 78 0.27 14.08 -9.53
CA SER A 78 -0.20 15.09 -10.48
C SER A 78 -1.28 14.45 -11.32
N VAL A 79 -2.05 15.29 -11.99
CA VAL A 79 -3.03 14.80 -12.93
C VAL A 79 -2.30 14.11 -14.11
N GLU A 80 -1.10 14.53 -14.45
CA GLU A 80 -0.31 13.78 -15.49
C GLU A 80 0.00 12.34 -15.11
N PHE A 81 0.37 12.12 -13.88
CA PHE A 81 0.60 10.78 -13.35
C PHE A 81 -0.66 9.95 -13.63
N CYS A 82 -1.82 10.49 -13.23
CA CYS A 82 -3.08 9.72 -13.38
C CYS A 82 -3.38 9.46 -14.89
N CYS A 83 -3.19 10.51 -15.69
CA CYS A 83 -3.59 10.46 -17.08
C CYS A 83 -2.59 9.62 -17.86
N LEU A 84 -1.36 9.52 -17.36
CA LEU A 84 -0.36 8.60 -18.01
C LEU A 84 -0.75 7.16 -17.77
N PHE A 85 -1.19 6.90 -16.55
CA PHE A 85 -1.69 5.61 -16.19
C PHE A 85 -2.93 5.21 -17.04
N TYR A 86 -3.92 6.11 -17.10
CA TYR A 86 -5.08 5.90 -17.93
C TYR A 86 -4.75 5.79 -19.43
N GLY A 87 -3.85 6.63 -19.91
CA GLY A 87 -3.40 6.62 -21.29
C GLY A 87 -2.77 5.29 -21.63
N ALA A 88 -1.84 4.83 -20.77
CA ALA A 88 -1.27 3.49 -20.96
C ALA A 88 -2.33 2.37 -20.96
N ALA A 89 -3.28 2.45 -20.03
CA ALA A 89 -4.41 1.51 -19.96
C ALA A 89 -5.18 1.40 -21.31
N LYS A 90 -5.48 2.54 -21.92
CA LYS A 90 -6.18 2.57 -23.21
C LYS A 90 -5.38 1.89 -24.31
N LEU A 91 -4.06 1.98 -24.24
CA LEU A 91 -3.16 1.33 -25.22
C LEU A 91 -2.81 -0.12 -24.97
N GLY A 92 -3.16 -0.65 -23.80
CA GLY A 92 -2.80 -2.01 -23.42
C GLY A 92 -1.35 -2.08 -22.93
N ALA A 93 -0.77 -0.91 -22.68
CA ALA A 93 0.53 -0.76 -22.05
C ALA A 93 0.50 -0.97 -20.54
N VAL A 94 1.69 -1.11 -19.97
CA VAL A 94 1.85 -1.53 -18.61
C VAL A 94 2.64 -0.46 -17.84
N ALA A 95 1.97 0.17 -16.91
CA ALA A 95 2.60 1.21 -16.13
C ALA A 95 3.42 0.57 -15.02
N VAL A 96 4.57 1.17 -14.77
CA VAL A 96 5.50 0.74 -13.72
C VAL A 96 5.73 1.94 -12.77
N PRO A 97 4.87 2.08 -11.79
CA PRO A 97 5.03 3.26 -10.91
C PRO A 97 6.14 2.99 -9.90
N ILE A 98 7.09 3.90 -9.80
CA ILE A 98 8.26 3.69 -8.94
C ILE A 98 8.32 4.67 -7.79
N ASN A 99 8.60 4.16 -6.60
CA ASN A 99 8.74 4.99 -5.37
C ASN A 99 9.89 5.99 -5.58
N THR A 100 9.57 7.28 -5.52
CA THR A 100 10.55 8.34 -5.74
C THR A 100 11.51 8.58 -4.55
N ARG A 101 11.38 7.79 -3.48
CA ARG A 101 12.31 7.82 -2.35
C ARG A 101 13.42 6.81 -2.50
N LEU A 102 13.33 5.92 -3.48
CA LEU A 102 14.35 4.89 -3.66
C LEU A 102 15.61 5.49 -4.24
N ALA A 103 16.73 4.88 -3.87
CA ALA A 103 18.03 5.28 -4.36
C ALA A 103 18.25 4.77 -5.77
N ALA A 104 19.22 5.34 -6.44
CA ALA A 104 19.51 5.01 -7.85
C ALA A 104 19.71 3.50 -8.21
N PRO A 105 20.42 2.72 -7.36
CA PRO A 105 20.59 1.28 -7.65
C PRO A 105 19.27 0.48 -7.59
N GLU A 106 18.37 0.87 -6.69
CA GLU A 106 17.10 0.20 -6.56
C GLU A 106 16.20 0.54 -7.76
N VAL A 107 16.23 1.81 -8.17
CA VAL A 107 15.48 2.24 -9.36
C VAL A 107 16.01 1.56 -10.61
N SER A 108 17.35 1.43 -10.70
CA SER A 108 17.99 0.74 -11.84
C SER A 108 17.58 -0.72 -11.87
N PHE A 109 17.51 -1.34 -10.72
CA PHE A 109 17.03 -2.71 -10.69
C PHE A 109 15.65 -2.88 -11.27
N ILE A 110 14.74 -2.04 -10.82
CA ILE A 110 13.35 -2.08 -11.23
C ILE A 110 13.18 -1.89 -12.70
N LEU A 111 13.91 -0.89 -13.25
CA LEU A 111 13.90 -0.64 -14.69
C LEU A 111 14.39 -1.80 -15.49
N SER A 112 15.45 -2.47 -15.04
CA SER A 112 15.95 -3.66 -15.70
C SER A 112 15.05 -4.82 -15.56
N ASP A 113 14.56 -5.06 -14.35
CA ASP A 113 13.71 -6.18 -14.13
C ASP A 113 12.40 -6.11 -14.92
N SER A 114 11.80 -4.92 -14.96
CA SER A 114 10.56 -4.70 -15.63
C SER A 114 10.72 -4.64 -17.13
N GLY A 115 11.93 -4.37 -17.59
CA GLY A 115 12.23 -4.20 -19.01
C GLY A 115 11.48 -3.00 -19.56
N SER A 116 11.35 -1.97 -18.71
CA SER A 116 10.70 -0.72 -19.10
C SER A 116 11.35 -0.17 -20.34
N LYS A 117 10.50 0.29 -21.25
CA LYS A 117 10.94 0.87 -22.51
C LYS A 117 11.08 2.38 -22.43
N VAL A 118 10.17 3.02 -21.67
CA VAL A 118 10.12 4.46 -21.58
C VAL A 118 10.11 4.78 -20.11
N VAL A 119 10.85 5.80 -19.73
CA VAL A 119 10.86 6.27 -18.35
C VAL A 119 10.42 7.71 -18.32
N ILE A 120 9.34 7.98 -17.61
CA ILE A 120 8.83 9.34 -17.46
C ILE A 120 9.11 9.82 -16.03
N TYR A 121 9.90 10.88 -15.88
CA TYR A 121 10.33 11.31 -14.56
C TYR A 121 10.11 12.76 -14.25
N GLY A 122 9.86 12.97 -12.96
CA GLY A 122 9.60 14.27 -12.45
C GLY A 122 10.90 14.96 -12.13
N ALA A 123 10.82 16.27 -12.00
CA ALA A 123 11.99 17.06 -11.70
C ALA A 123 12.69 16.66 -10.37
N PRO A 124 11.92 16.37 -9.29
CA PRO A 124 12.59 15.88 -8.09
C PRO A 124 13.39 14.57 -8.30
N SER A 125 13.09 13.80 -9.34
CA SER A 125 13.81 12.56 -9.61
C SER A 125 14.94 12.71 -10.61
N ALA A 126 15.15 13.91 -11.12
CA ALA A 126 16.24 14.12 -12.09
C ALA A 126 17.61 13.60 -11.58
N PRO A 127 17.93 13.81 -10.29
CA PRO A 127 19.21 13.30 -9.83
C PRO A 127 19.34 11.77 -9.87
N VAL A 128 18.29 11.02 -9.54
CA VAL A 128 18.32 9.57 -9.67
C VAL A 128 18.50 9.13 -11.13
N ILE A 129 17.74 9.75 -12.03
CA ILE A 129 17.80 9.37 -13.43
C ILE A 129 19.18 9.71 -13.99
N ASP A 130 19.71 10.87 -13.62
CA ASP A 130 21.05 11.26 -14.06
C ASP A 130 22.10 10.24 -13.64
N ALA A 131 22.03 9.85 -12.36
CA ALA A 131 22.97 8.86 -11.82
C ALA A 131 22.83 7.56 -12.63
N ILE A 132 21.58 7.15 -12.90
CA ILE A 132 21.34 5.92 -13.68
C ILE A 132 21.87 6.01 -15.14
N ARG A 133 21.57 7.12 -15.83
CA ARG A 133 21.99 7.28 -17.23
C ARG A 133 23.53 7.42 -17.38
N ALA A 134 24.19 7.91 -16.34
CA ALA A 134 25.65 7.97 -16.22
C ALA A 134 26.39 6.61 -16.07
N GLN A 135 25.71 5.55 -15.57
CA GLN A 135 26.24 4.17 -15.57
C GLN A 135 26.86 3.78 -16.94
N ALA A 136 27.91 2.95 -16.94
CA ALA A 136 28.50 2.46 -18.21
C ALA A 136 27.47 1.70 -19.08
N ASP A 137 26.65 0.88 -18.44
CA ASP A 137 25.57 0.14 -19.11
C ASP A 137 24.23 0.37 -18.40
N PRO A 138 23.55 1.50 -18.71
CA PRO A 138 22.23 1.72 -18.08
C PRO A 138 21.22 0.61 -18.49
N PRO A 139 20.04 0.52 -17.82
CA PRO A 139 19.03 -0.51 -18.14
C PRO A 139 18.75 -0.52 -19.62
N GLY A 140 19.04 -1.65 -20.27
CA GLY A 140 19.20 -1.66 -21.72
C GLY A 140 17.93 -1.58 -22.55
N THR A 141 16.79 -1.85 -21.91
CA THR A 141 15.48 -1.80 -22.55
C THR A 141 14.96 -0.36 -22.71
N VAL A 142 15.49 0.59 -21.93
CA VAL A 142 14.97 1.97 -21.93
C VAL A 142 15.43 2.67 -23.21
N THR A 143 14.49 2.96 -24.10
CA THR A 143 14.79 3.68 -25.34
C THR A 143 14.48 5.18 -25.18
N ASP A 144 13.75 5.54 -24.14
CA ASP A 144 13.35 6.93 -23.94
C ASP A 144 13.33 7.34 -22.49
N TRP A 145 14.01 8.44 -22.17
CA TRP A 145 13.93 9.07 -20.84
C TRP A 145 13.30 10.47 -20.95
N ILE A 146 12.10 10.63 -20.38
CA ILE A 146 11.28 11.78 -20.68
C ILE A 146 11.07 12.51 -19.38
N GLY A 147 11.68 13.68 -19.24
CA GLY A 147 11.52 14.47 -18.00
C GLY A 147 10.32 15.39 -18.11
N ALA A 148 10.07 16.12 -17.03
CA ALA A 148 8.90 17.01 -16.91
C ALA A 148 8.67 18.02 -18.06
N ASP A 149 9.73 18.67 -18.53
CA ASP A 149 9.63 19.73 -19.52
C ASP A 149 9.25 19.12 -20.88
N SER A 150 9.93 18.04 -21.24
CA SER A 150 9.64 17.27 -22.45
C SER A 150 8.22 16.70 -22.47
N LEU A 151 7.77 16.15 -21.34
CA LEU A 151 6.41 15.62 -21.29
C LEU A 151 5.38 16.74 -21.52
N ALA A 152 5.58 17.88 -20.88
CA ALA A 152 4.61 18.98 -20.99
C ALA A 152 4.56 19.51 -22.43
N GLU A 153 5.71 19.59 -23.08
CA GLU A 153 5.78 20.08 -24.45
C GLU A 153 5.08 19.11 -25.39
N ARG A 154 5.29 17.80 -25.19
CA ARG A 154 4.61 16.79 -25.98
C ARG A 154 3.10 16.84 -25.81
N LEU A 155 2.64 17.01 -24.58
CA LEU A 155 1.21 17.06 -24.28
C LEU A 155 0.55 18.23 -24.99
N ARG A 156 1.27 19.36 -25.04
CA ARG A 156 0.76 20.54 -25.72
C ARG A 156 0.50 20.31 -27.20
N SER A 157 1.25 19.43 -27.87
CA SER A 157 1.05 19.22 -29.30
C SER A 157 0.27 17.94 -29.68
N ALA A 158 -0.14 17.15 -28.67
CA ALA A 158 -0.81 15.86 -28.87
C ALA A 158 -2.27 16.09 -29.17
N ALA A 159 -2.85 15.15 -29.93
CA ALA A 159 -4.28 15.16 -30.26
C ALA A 159 -5.00 14.32 -29.21
N ALA A 160 -6.24 14.68 -28.93
CA ALA A 160 -7.00 14.04 -27.88
C ALA A 160 -7.88 12.94 -28.46
N ASP A 161 -7.38 12.21 -29.46
CA ASP A 161 -8.12 11.14 -30.13
C ASP A 161 -8.32 9.99 -29.18
N GLU A 162 -9.49 9.41 -29.12
CA GLU A 162 -9.65 8.21 -28.35
C GLU A 162 -8.94 7.04 -29.09
N PRO A 163 -7.95 6.38 -28.48
CA PRO A 163 -7.34 5.25 -29.20
C PRO A 163 -8.29 4.07 -29.45
N ALA A 164 -8.01 3.29 -30.47
CA ALA A 164 -8.70 2.03 -30.65
C ALA A 164 -8.30 1.22 -29.43
N VAL A 165 -9.24 0.94 -28.55
CA VAL A 165 -8.91 0.20 -27.34
C VAL A 165 -9.39 -1.21 -27.59
N GLU A 166 -8.48 -2.17 -27.62
CA GLU A 166 -8.86 -3.57 -27.97
C GLU A 166 -8.16 -4.58 -27.04
N CYS A 167 -7.95 -4.12 -25.82
CA CYS A 167 -7.30 -4.89 -24.80
CA CYS A 167 -7.22 -4.81 -24.78
C CYS A 167 -8.02 -4.63 -23.49
N GLY A 168 -7.86 -5.54 -22.55
CA GLY A 168 -8.44 -5.37 -21.24
C GLY A 168 -8.57 -6.69 -20.56
N GLY A 169 -9.43 -6.79 -19.57
CA GLY A 169 -9.60 -8.05 -18.87
C GLY A 169 -8.33 -8.50 -18.17
N ASP A 170 -7.91 -9.69 -18.51
CA ASP A 170 -6.72 -10.29 -17.95
C ASP A 170 -5.42 -9.75 -18.58
N ASP A 171 -5.50 -8.81 -19.51
CA ASP A 171 -4.30 -8.14 -19.97
C ASP A 171 -3.55 -7.37 -18.84
N ASN A 172 -2.22 -7.48 -18.85
CA ASN A 172 -1.43 -6.74 -17.90
C ASN A 172 -1.67 -5.27 -17.97
N LEU A 173 -1.66 -4.64 -16.80
CA LEU A 173 -1.90 -3.21 -16.66
C LEU A 173 -0.80 -2.48 -15.88
N PHE A 174 -0.37 -3.05 -14.76
CA PHE A 174 0.74 -2.41 -14.06
C PHE A 174 1.62 -3.41 -13.37
N ILE A 175 2.86 -2.98 -13.10
CA ILE A 175 3.77 -3.76 -12.28
C ILE A 175 4.24 -2.88 -11.15
N MET A 176 3.99 -3.33 -9.93
CA MET A 176 4.41 -2.62 -8.78
C MET A 176 5.39 -3.44 -7.97
N TYR A 177 6.52 -2.85 -7.63
CA TYR A 177 7.58 -3.63 -6.93
C TYR A 177 7.40 -3.70 -5.38
N THR A 178 7.58 -4.88 -4.80
CA THR A 178 7.45 -5.07 -3.34
C THR A 178 8.65 -5.88 -2.85
N SER A 179 9.15 -5.58 -1.65
CA SER A 179 10.39 -6.28 -1.18
C SER A 179 10.11 -7.27 -0.05
N GLY A 183 17.17 -7.98 0.24
CA GLY A 183 17.49 -8.47 -1.11
C GLY A 183 16.89 -7.57 -2.19
N HIS A 184 16.43 -8.20 -3.28
CA HIS A 184 15.80 -7.52 -4.44
C HIS A 184 14.26 -7.59 -4.42
N PRO A 185 13.58 -6.52 -4.88
CA PRO A 185 12.12 -6.66 -4.92
C PRO A 185 11.57 -7.66 -6.00
N LYS A 186 10.31 -8.06 -5.92
CA LYS A 186 9.60 -8.76 -7.00
C LYS A 186 8.57 -7.82 -7.55
N GLY A 187 8.35 -7.92 -8.85
CA GLY A 187 7.34 -7.11 -9.49
C GLY A 187 6.02 -7.78 -9.48
N VAL A 188 5.06 -7.11 -8.87
CA VAL A 188 3.70 -7.62 -8.74
C VAL A 188 2.86 -7.17 -9.97
N VAL A 189 2.40 -8.12 -10.80
CA VAL A 189 1.69 -7.80 -12.04
C VAL A 189 0.19 -7.75 -11.78
N HIS A 190 -0.42 -6.59 -11.98
CA HIS A 190 -1.88 -6.46 -11.97
C HIS A 190 -2.44 -6.23 -13.38
N THR A 191 -3.70 -6.54 -13.53
CA THR A 191 -4.39 -6.51 -14.80
C THR A 191 -5.59 -5.54 -14.70
N HIS A 192 -6.23 -5.30 -15.85
CA HIS A 192 -7.40 -4.45 -15.88
C HIS A 192 -8.45 -5.13 -14.94
N GLU A 193 -8.55 -6.44 -15.00
CA GLU A 193 -9.50 -7.18 -14.18
C GLU A 193 -9.21 -7.04 -12.70
N SER A 194 -7.95 -7.20 -12.28
CA SER A 194 -7.65 -7.11 -10.84
C SER A 194 -7.86 -5.73 -10.26
N VAL A 195 -7.49 -4.72 -11.04
CA VAL A 195 -7.63 -3.36 -10.67
C VAL A 195 -9.12 -2.99 -10.56
N HIS A 196 -9.87 -3.40 -11.57
CA HIS A 196 -11.31 -3.18 -11.55
C HIS A 196 -11.94 -3.87 -10.32
N SER A 197 -11.51 -5.09 -10.05
CA SER A 197 -12.08 -5.85 -8.92
CA SER A 197 -12.05 -5.87 -8.90
C SER A 197 -11.76 -5.15 -7.60
N ALA A 198 -10.55 -4.66 -7.47
CA ALA A 198 -10.16 -4.00 -6.25
C ALA A 198 -10.92 -2.73 -6.11
N ALA A 199 -11.09 -1.99 -7.22
CA ALA A 199 -11.82 -0.72 -7.16
C ALA A 199 -13.27 -1.04 -6.76
N SER A 200 -13.84 -2.05 -7.39
CA SER A 200 -15.24 -2.46 -7.07
C SER A 200 -15.40 -2.92 -5.67
N SER A 201 -14.39 -3.66 -5.19
CA SER A 201 -14.37 -4.12 -3.82
C SER A 201 -14.50 -2.94 -2.84
N TRP A 202 -13.64 -1.95 -3.01
CA TRP A 202 -13.72 -0.75 -2.15
C TRP A 202 -15.06 -0.04 -2.28
N ALA A 203 -15.43 0.22 -3.54
CA ALA A 203 -16.61 1.01 -3.85
C ALA A 203 -17.89 0.34 -3.36
N SER A 204 -17.90 -0.99 -3.33
CA SER A 204 -19.08 -1.74 -2.81
C SER A 204 -19.07 -2.00 -1.32
N THR A 205 -17.97 -1.71 -0.65
CA THR A 205 -17.82 -2.03 0.76
C THR A 205 -17.84 -0.75 1.61
N ILE A 206 -17.11 0.28 1.22
CA ILE A 206 -17.08 1.50 2.07
C ILE A 206 -18.26 2.38 1.70
N ASP A 207 -18.63 3.31 2.61
CA ASP A 207 -19.70 4.24 2.32
C ASP A 207 -19.17 5.36 1.44
N VAL A 208 -19.00 5.09 0.14
CA VAL A 208 -18.60 6.11 -0.83
C VAL A 208 -19.81 6.41 -1.72
N ARG A 209 -19.97 7.69 -2.09
CA ARG A 209 -21.19 8.19 -2.76
C ARG A 209 -20.85 8.97 -4.01
N TYR A 210 -21.75 8.90 -4.98
CA TYR A 210 -21.68 9.72 -6.18
C TYR A 210 -21.48 11.16 -5.78
N ARG A 211 -20.53 11.83 -6.43
CA ARG A 211 -20.15 13.22 -6.19
C ARG A 211 -19.37 13.47 -4.87
N ASP A 212 -19.00 12.42 -4.12
CA ASP A 212 -18.12 12.60 -2.96
C ASP A 212 -16.80 13.25 -3.50
N ARG A 213 -16.16 13.99 -2.61
CA ARG A 213 -14.87 14.61 -2.85
C ARG A 213 -13.85 13.98 -1.92
N LEU A 214 -12.76 13.47 -2.49
CA LEU A 214 -11.87 12.57 -1.77
C LEU A 214 -10.45 13.14 -1.78
N LEU A 215 -9.91 13.37 -0.59
CA LEU A 215 -8.54 13.89 -0.44
C LEU A 215 -7.51 12.78 -0.50
N LEU A 216 -6.60 12.91 -1.44
CA LEU A 216 -5.46 12.00 -1.61
C LEU A 216 -4.16 12.75 -1.30
N PRO A 217 -3.59 12.49 -0.12
CA PRO A 217 -2.38 13.21 0.21
C PRO A 217 -1.22 12.23 0.39
N LEU A 218 -1.35 11.05 -0.23
CA LEU A 218 -0.34 10.01 -0.17
C LEU A 218 0.14 9.74 -1.60
N PRO A 219 1.36 9.22 -1.75
CA PRO A 219 1.91 9.08 -3.10
C PRO A 219 1.17 8.10 -4.00
N MET A 220 1.10 8.43 -5.28
CA MET A 220 0.36 7.62 -6.21
C MET A 220 1.05 6.34 -6.57
N PHE A 221 2.32 6.19 -6.22
CA PHE A 221 2.98 4.95 -6.50
C PHE A 221 2.65 3.86 -5.48
N HIS A 222 1.86 4.17 -4.44
CA HIS A 222 1.44 3.17 -3.45
C HIS A 222 0.20 2.54 -4.08
N VAL A 223 0.08 1.23 -3.97
CA VAL A 223 -1.03 0.53 -4.60
C VAL A 223 -2.37 1.01 -4.14
N ALA A 224 -2.52 1.37 -2.87
CA ALA A 224 -3.81 1.78 -2.45
C ALA A 224 -4.18 3.15 -2.99
N ALA A 225 -3.21 4.00 -3.30
CA ALA A 225 -3.51 5.30 -3.84
C ALA A 225 -3.92 5.11 -5.28
N LEU A 226 -3.28 4.17 -5.99
CA LEU A 226 -3.69 3.90 -7.34
C LEU A 226 -5.12 3.37 -7.43
N THR A 227 -5.43 2.42 -6.60
CA THR A 227 -6.79 1.88 -6.51
C THR A 227 -7.80 3.00 -6.19
N THR A 228 -7.45 3.96 -5.31
CA THR A 228 -8.29 5.13 -4.98
C THR A 228 -8.57 5.97 -6.19
N VAL A 229 -7.55 6.21 -7.00
CA VAL A 229 -7.77 6.99 -8.23
C VAL A 229 -8.80 6.28 -9.15
N ILE A 230 -8.63 4.98 -9.34
CA ILE A 230 -9.51 4.19 -10.19
C ILE A 230 -10.95 4.07 -9.63
N PHE A 231 -11.10 3.82 -8.35
CA PHE A 231 -12.45 3.73 -7.82
C PHE A 231 -13.14 5.06 -7.77
N SER A 232 -12.37 6.13 -7.77
CA SER A 232 -12.92 7.47 -7.88
C SER A 232 -13.62 7.63 -9.24
N ALA A 233 -12.96 7.26 -10.32
CA ALA A 233 -13.62 7.31 -11.63
C ALA A 233 -14.82 6.35 -11.70
N MET A 234 -14.64 5.16 -11.15
CA MET A 234 -15.71 4.18 -11.13
C MET A 234 -16.99 4.71 -10.48
N ARG A 235 -16.85 5.38 -9.35
CA ARG A 235 -18.00 5.85 -8.59
C ARG A 235 -18.40 7.30 -8.92
N GLY A 236 -17.54 8.07 -9.59
CA GLY A 236 -17.83 9.47 -9.86
C GLY A 236 -17.54 10.37 -8.68
N VAL A 237 -16.32 10.24 -8.20
CA VAL A 237 -15.80 10.96 -7.02
C VAL A 237 -14.82 11.96 -7.53
N THR A 238 -14.75 13.13 -6.92
CA THR A 238 -13.78 14.13 -7.29
C THR A 238 -12.54 13.93 -6.45
N LEU A 239 -11.38 13.74 -7.06
CA LEU A 239 -10.10 13.65 -6.35
C LEU A 239 -9.63 15.06 -5.98
N ILE A 240 -9.32 15.25 -4.70
CA ILE A 240 -8.74 16.49 -4.24
C ILE A 240 -7.30 16.14 -3.92
N SER A 241 -6.37 16.72 -4.66
CA SER A 241 -5.00 16.32 -4.53
C SER A 241 -4.15 17.28 -3.69
N MET A 242 -3.41 16.71 -2.73
CA MET A 242 -2.38 17.38 -1.94
C MET A 242 -1.04 16.65 -2.15
N PRO A 243 -0.23 17.04 -3.16
CA PRO A 243 0.90 16.22 -3.59
C PRO A 243 2.00 16.14 -2.56
N GLN A 244 2.17 17.22 -1.79
CA GLN A 244 3.07 17.26 -0.64
C GLN A 244 2.23 17.46 0.65
N PHE A 245 2.05 16.42 1.47
CA PHE A 245 1.26 16.54 2.70
C PHE A 245 1.87 17.60 3.62
N ASP A 246 1.04 18.52 4.09
CA ASP A 246 1.41 19.50 5.08
C ASP A 246 0.30 19.59 6.10
N ALA A 247 0.56 19.15 7.31
CA ALA A 247 -0.52 19.09 8.31
C ALA A 247 -1.07 20.45 8.67
N THR A 248 -0.24 21.48 8.54
CA THR A 248 -0.68 22.83 8.80
C THR A 248 -1.53 23.47 7.70
N LYS A 249 -1.67 22.79 6.55
CA LYS A 249 -2.43 23.28 5.41
C LYS A 249 -3.61 22.38 5.07
N VAL A 250 -3.65 21.18 5.61
CA VAL A 250 -4.64 20.18 5.16
C VAL A 250 -6.09 20.47 5.56
N TRP A 251 -6.30 21.00 6.76
CA TRP A 251 -7.69 21.24 7.19
C TRP A 251 -8.31 22.34 6.35
N SER A 252 -7.55 23.36 6.00
CA SER A 252 -8.03 24.43 5.13
CA SER A 252 -8.12 24.41 5.17
C SER A 252 -8.48 23.86 3.80
N LEU A 253 -7.73 22.89 3.32
CA LEU A 253 -7.96 22.31 2.03
C LEU A 253 -9.24 21.50 2.14
N ILE A 254 -9.38 20.76 3.23
CA ILE A 254 -10.55 19.91 3.49
C ILE A 254 -11.84 20.77 3.55
N VAL A 255 -11.72 21.93 4.15
CA VAL A 255 -12.84 22.88 4.22
C VAL A 255 -13.14 23.53 2.89
N GLU A 256 -12.14 24.17 2.29
CA GLU A 256 -12.29 24.88 1.02
C GLU A 256 -12.84 24.00 -0.09
N GLU A 257 -12.49 22.72 -0.11
CA GLU A 257 -12.89 21.83 -1.21
C GLU A 257 -13.95 20.85 -0.80
N ARG A 258 -14.54 21.13 0.35
CA ARG A 258 -15.70 20.40 0.81
C ARG A 258 -15.46 18.92 0.73
N VAL A 259 -14.34 18.48 1.29
CA VAL A 259 -13.91 17.11 1.24
C VAL A 259 -14.79 16.22 2.14
N CYS A 260 -15.21 15.10 1.57
CA CYS A 260 -16.00 14.07 2.23
C CYS A 260 -15.22 12.93 2.84
N ILE A 261 -14.14 12.51 2.18
CA ILE A 261 -13.39 11.36 2.60
C ILE A 261 -11.94 11.73 2.41
N GLY A 262 -11.08 11.22 3.28
CA GLY A 262 -9.65 11.46 3.11
C GLY A 262 -8.85 10.19 3.25
N GLY A 263 -7.83 10.01 2.42
CA GLY A 263 -6.92 8.91 2.62
C GLY A 263 -5.83 9.37 3.61
N ALA A 264 -5.43 8.47 4.51
CA ALA A 264 -4.43 8.78 5.51
C ALA A 264 -3.72 7.55 6.05
N VAL A 265 -2.81 7.82 6.97
CA VAL A 265 -2.18 6.78 7.81
C VAL A 265 -2.18 7.35 9.23
N PRO A 266 -1.98 6.49 10.25
CA PRO A 266 -2.12 6.94 11.62
C PRO A 266 -1.26 8.15 11.93
N ALA A 267 -0.01 8.20 11.43
CA ALA A 267 0.86 9.38 11.72
C ALA A 267 0.19 10.67 11.28
N ILE A 268 -0.39 10.65 10.08
CA ILE A 268 -1.05 11.81 9.46
C ILE A 268 -2.19 12.26 10.33
N LEU A 269 -3.03 11.32 10.77
CA LEU A 269 -4.15 11.66 11.56
C LEU A 269 -3.72 12.19 12.94
N ASN A 270 -2.64 11.65 13.48
CA ASN A 270 -2.08 12.16 14.70
C ASN A 270 -1.57 13.59 14.51
N PHE A 271 -0.81 13.87 13.46
CA PHE A 271 -0.36 15.24 13.28
C PHE A 271 -1.49 16.22 13.08
N MET A 272 -2.53 15.78 12.37
CA MET A 272 -3.67 16.59 12.02
C MET A 272 -4.48 16.99 13.27
N ARG A 273 -4.34 16.16 14.31
CA ARG A 273 -5.00 16.43 15.59
CA ARG A 273 -5.02 16.47 15.56
C ARG A 273 -4.24 17.49 16.38
N GLN A 274 -2.96 17.68 16.09
CA GLN A 274 -2.14 18.62 16.88
C GLN A 274 -2.11 20.05 16.37
N VAL A 275 -2.45 20.27 15.10
CA VAL A 275 -2.39 21.63 14.51
C VAL A 275 -3.57 22.49 14.98
N PRO A 276 -3.38 23.83 15.03
CA PRO A 276 -4.39 24.80 15.53
C PRO A 276 -5.71 24.62 14.78
N GLU A 277 -5.62 24.26 13.50
CA GLU A 277 -6.83 24.08 12.71
C GLU A 277 -7.79 23.00 13.19
N PHE A 278 -7.30 21.99 13.91
CA PHE A 278 -8.16 20.88 14.39
C PHE A 278 -9.24 21.40 15.33
N ALA A 279 -8.82 22.25 16.26
CA ALA A 279 -9.69 22.86 17.25
C ALA A 279 -10.52 23.91 16.57
N GLU A 280 -9.97 24.56 15.54
CA GLU A 280 -10.54 25.81 15.06
C GLU A 280 -11.44 25.80 13.83
N LEU A 281 -11.19 24.92 12.87
CA LEU A 281 -12.02 24.87 11.66
C LEU A 281 -13.10 23.80 11.81
N ASP A 282 -14.29 24.03 11.23
CA ASP A 282 -15.37 23.04 11.23
C ASP A 282 -15.46 22.43 9.82
N ALA A 283 -15.54 21.12 9.73
CA ALA A 283 -15.68 20.50 8.38
C ALA A 283 -16.93 19.63 8.27
N PRO A 284 -18.11 20.27 8.08
CA PRO A 284 -19.35 19.46 8.22
C PRO A 284 -19.56 18.44 7.10
N ASP A 285 -18.89 18.61 5.96
CA ASP A 285 -19.03 17.65 4.86
C ASP A 285 -18.12 16.45 5.09
N PHE A 286 -17.09 16.56 5.95
CA PHE A 286 -16.09 15.48 6.05
C PHE A 286 -16.65 14.32 6.89
N ARG A 287 -16.69 13.13 6.34
CA ARG A 287 -17.28 12.00 7.04
C ARG A 287 -16.27 11.08 7.65
N TYR A 288 -15.24 10.66 6.91
CA TYR A 288 -14.27 9.71 7.44
C TYR A 288 -12.93 9.70 6.73
N PHE A 289 -11.92 9.20 7.42
CA PHE A 289 -10.68 8.88 6.81
C PHE A 289 -10.59 7.39 6.55
N ILE A 290 -9.91 7.04 5.46
CA ILE A 290 -9.56 5.65 5.16
C ILE A 290 -8.07 5.59 5.49
N THR A 291 -7.68 4.76 6.45
CA THR A 291 -6.31 4.74 6.90
C THR A 291 -5.70 3.37 6.68
N GLY A 292 -4.42 3.38 6.35
CA GLY A 292 -3.66 2.15 6.19
C GLY A 292 -2.62 2.14 7.31
N GLY A 293 -1.96 1.02 7.51
CA GLY A 293 -0.89 0.97 8.49
C GLY A 293 -1.38 0.30 9.75
N ALA A 294 -0.65 0.47 10.82
CA ALA A 294 -1.00 -0.16 12.07
C ALA A 294 -2.38 0.29 12.52
N PRO A 295 -2.98 -0.46 13.43
CA PRO A 295 -4.27 0.00 13.98
C PRO A 295 -4.15 1.39 14.65
N MET A 296 -5.21 2.18 14.50
CA MET A 296 -5.29 3.49 15.08
C MET A 296 -5.44 3.34 16.59
N PRO A 297 -4.78 4.20 17.38
CA PRO A 297 -4.98 4.17 18.83
C PRO A 297 -6.38 4.65 19.18
N GLU A 298 -7.01 3.98 20.17
CA GLU A 298 -8.37 4.31 20.61
C GLU A 298 -8.53 5.80 20.92
N ALA A 299 -7.55 6.41 21.58
CA ALA A 299 -7.65 7.81 21.95
C ALA A 299 -7.83 8.68 20.70
N LEU A 300 -7.15 8.31 19.62
CA LEU A 300 -7.27 9.10 18.41
C LEU A 300 -8.59 8.88 17.75
N ILE A 301 -9.10 7.65 17.77
CA ILE A 301 -10.39 7.35 17.17
C ILE A 301 -11.44 8.21 17.89
N LYS A 302 -11.35 8.24 19.21
CA LYS A 302 -12.34 8.95 20.00
C LYS A 302 -12.35 10.46 19.80
N ILE A 303 -11.20 11.07 19.63
CA ILE A 303 -11.17 12.51 19.49
C ILE A 303 -11.72 12.92 18.12
N TYR A 304 -11.42 12.13 17.09
CA TYR A 304 -12.04 12.32 15.80
C TYR A 304 -13.53 12.09 15.86
N ALA A 305 -13.97 11.06 16.59
CA ALA A 305 -15.40 10.84 16.75
C ALA A 305 -16.13 12.02 17.44
N ALA A 306 -15.48 12.68 18.38
CA ALA A 306 -16.04 13.91 18.98
C ALA A 306 -16.21 15.08 17.99
N LYS A 307 -15.42 15.07 16.92
CA LYS A 307 -15.49 16.04 15.81
C LYS A 307 -16.41 15.51 14.70
N ASN A 308 -17.17 14.45 15.02
CA ASN A 308 -18.03 13.73 14.06
C ASN A 308 -17.30 13.21 12.83
N ILE A 309 -16.09 12.71 13.03
CA ILE A 309 -15.32 12.12 11.93
C ILE A 309 -15.00 10.70 12.27
N GLU A 310 -15.25 9.80 11.32
CA GLU A 310 -15.01 8.37 11.56
C GLU A 310 -13.73 7.91 10.89
N VAL A 311 -13.32 6.68 11.17
CA VAL A 311 -12.10 6.15 10.59
C VAL A 311 -12.39 4.75 10.04
N VAL A 312 -12.01 4.50 8.79
CA VAL A 312 -11.99 3.18 8.20
C VAL A 312 -10.54 2.68 8.17
N GLN A 313 -10.35 1.43 8.53
CA GLN A 313 -9.03 0.82 8.58
C GLN A 313 -9.07 -0.48 7.82
N GLY A 314 -7.93 -1.03 7.50
CA GLY A 314 -7.92 -2.36 6.90
C GLY A 314 -6.57 -2.99 6.71
N TYR A 315 -6.56 -4.06 5.95
CA TYR A 315 -5.41 -4.81 5.63
C TYR A 315 -5.41 -5.09 4.14
N ALA A 316 -4.26 -4.82 3.50
CA ALA A 316 -4.09 -5.13 2.06
C ALA A 316 -2.60 -5.25 1.80
N LEU A 317 -2.23 -5.71 0.61
CA LEU A 317 -0.85 -5.93 0.23
C LEU A 317 -0.76 -5.39 -1.16
N THR A 318 0.42 -5.16 -1.65
CA THR A 318 0.61 -4.98 -3.10
C THR A 318 -0.02 -6.07 -3.95
N GLU A 319 0.15 -7.33 -3.55
CA GLU A 319 -0.36 -8.50 -4.25
C GLU A 319 -1.88 -8.54 -4.32
N SER A 320 -2.56 -7.86 -3.40
CA SER A 320 -4.03 -7.79 -3.40
C SER A 320 -4.60 -6.48 -3.93
N CYS A 321 -3.75 -5.73 -4.61
CA CYS A 321 -4.11 -4.45 -5.24
C CYS A 321 -4.72 -3.47 -4.30
N GLY A 322 -4.31 -3.55 -3.05
CA GLY A 322 -4.86 -2.69 -2.04
C GLY A 322 -6.21 -3.10 -1.47
N GLY A 323 -6.74 -4.26 -1.85
CA GLY A 323 -7.95 -4.79 -1.25
C GLY A 323 -7.65 -5.86 -0.23
N GLY A 324 -8.65 -6.30 0.48
CA GLY A 324 -8.41 -7.39 1.41
C GLY A 324 -9.46 -7.34 2.48
N THR A 325 -9.16 -6.73 3.62
CA THR A 325 -10.13 -6.52 4.67
C THR A 325 -10.31 -5.03 4.96
N LEU A 326 -11.51 -4.68 5.44
CA LEU A 326 -11.87 -3.35 5.86
C LEU A 326 -12.65 -3.41 7.17
N LEU A 327 -12.23 -2.54 8.08
CA LEU A 327 -12.93 -2.35 9.37
C LEU A 327 -13.73 -1.09 9.20
N LEU A 328 -15.02 -1.27 9.01
CA LEU A 328 -15.86 -0.15 8.73
C LEU A 328 -15.98 0.78 9.97
N SER A 329 -16.36 2.03 9.69
CA SER A 329 -16.52 3.06 10.69
C SER A 329 -17.30 2.64 11.95
N GLU A 330 -18.45 2.03 11.74
CA GLU A 330 -19.29 1.54 12.85
C GLU A 330 -18.54 0.65 13.87
N ASP A 331 -17.43 0.04 13.42
CA ASP A 331 -16.68 -0.98 14.17
C ASP A 331 -15.32 -0.46 14.72
N ALA A 332 -14.94 0.79 14.42
CA ALA A 332 -13.56 1.28 14.73
C ALA A 332 -13.19 1.16 16.21
N LEU A 333 -14.15 1.45 17.07
CA LEU A 333 -13.87 1.42 18.49
C LEU A 333 -14.11 0.03 19.05
N ARG A 334 -15.33 -0.45 18.75
CA ARG A 334 -15.79 -1.81 19.00
C ARG A 334 -14.64 -2.78 18.81
N LYS A 335 -13.94 -2.69 17.67
CA LYS A 335 -12.91 -3.69 17.31
C LYS A 335 -11.49 -3.15 17.17
N ALA A 336 -11.13 -2.28 18.12
CA ALA A 336 -9.77 -1.69 18.19
C ALA A 336 -8.75 -2.77 18.01
N GLY A 337 -7.86 -2.54 17.05
CA GLY A 337 -6.76 -3.44 16.74
C GLY A 337 -7.05 -4.46 15.64
N SER A 338 -8.32 -4.57 15.24
CA SER A 338 -8.69 -5.43 14.13
C SER A 338 -8.41 -4.75 12.79
N ALA A 339 -8.13 -5.55 11.76
CA ALA A 339 -8.03 -5.12 10.39
C ALA A 339 -9.39 -5.24 9.66
N GLY A 340 -10.41 -5.72 10.38
CA GLY A 340 -11.78 -5.77 9.92
C GLY A 340 -12.14 -7.09 9.24
N ARG A 341 -13.27 -7.07 8.55
CA ARG A 341 -13.81 -8.24 7.84
C ARG A 341 -13.38 -8.25 6.38
N ALA A 342 -13.51 -9.41 5.73
CA ALA A 342 -13.34 -9.51 4.29
C ALA A 342 -14.26 -8.49 3.61
N THR A 343 -13.83 -8.00 2.46
CA THR A 343 -14.59 -7.03 1.67
C THR A 343 -15.42 -7.72 0.60
N MET A 344 -16.25 -6.94 -0.11
CA MET A 344 -16.97 -7.49 -1.21
C MET A 344 -15.98 -7.99 -2.20
N PHE A 345 -16.29 -9.11 -2.81
CA PHE A 345 -15.46 -9.70 -3.87
C PHE A 345 -14.11 -10.28 -3.39
N THR A 346 -13.98 -10.45 -2.08
CA THR A 346 -12.75 -10.98 -1.48
CA THR A 346 -12.77 -10.95 -1.46
C THR A 346 -13.10 -12.06 -0.46
N ASP A 347 -12.40 -13.21 -0.53
CA ASP A 347 -12.51 -14.16 0.55
C ASP A 347 -11.19 -14.15 1.32
N VAL A 348 -11.25 -14.21 2.63
CA VAL A 348 -10.03 -14.12 3.45
C VAL A 348 -10.10 -15.23 4.46
N ALA A 349 -9.04 -15.98 4.68
CA ALA A 349 -9.09 -17.09 5.61
C ALA A 349 -7.70 -17.22 6.22
N VAL A 350 -7.52 -18.24 7.05
CA VAL A 350 -6.19 -18.58 7.61
C VAL A 350 -5.80 -20.00 7.31
N ARG A 351 -4.54 -20.23 6.91
CA ARG A 351 -4.05 -21.54 6.58
C ARG A 351 -3.22 -22.03 7.74
N GLY A 352 -3.67 -23.10 8.37
CA GLY A 352 -3.03 -23.62 9.54
C GLY A 352 -1.73 -24.31 9.21
N ASP A 353 -0.96 -24.60 10.27
CA ASP A 353 0.29 -25.34 10.19
C ASP A 353 0.06 -26.69 9.52
N ASP A 354 -1.15 -27.23 9.70
CA ASP A 354 -1.55 -28.48 9.03
C ASP A 354 -1.89 -28.37 7.54
N GLY A 355 -1.85 -27.15 6.98
CA GLY A 355 -2.30 -26.94 5.61
C GLY A 355 -3.80 -26.74 5.42
N VAL A 356 -4.61 -26.89 6.47
CA VAL A 356 -6.04 -26.64 6.33
C VAL A 356 -6.34 -25.12 6.30
N ILE A 357 -7.11 -24.70 5.31
CA ILE A 357 -7.56 -23.33 5.25
C ILE A 357 -8.91 -23.19 5.97
N ARG A 358 -8.98 -22.28 6.94
CA ARG A 358 -10.20 -22.06 7.73
C ARG A 358 -10.68 -20.60 7.74
N GLU A 359 -11.99 -20.35 7.74
CA GLU A 359 -12.42 -18.95 7.85
C GLU A 359 -12.36 -18.41 9.27
N HIS A 360 -12.10 -19.26 10.26
CA HIS A 360 -12.07 -18.81 11.65
C HIS A 360 -10.85 -19.48 12.30
N GLY A 361 -10.10 -18.74 13.10
CA GLY A 361 -8.97 -19.31 13.83
C GLY A 361 -7.66 -18.62 13.52
N GLU A 362 -6.55 -19.33 13.75
CA GLU A 362 -5.19 -18.75 13.70
C GLU A 362 -4.45 -19.40 12.55
N GLY A 363 -3.59 -18.64 11.89
CA GLY A 363 -2.72 -19.19 10.85
C GLY A 363 -2.22 -18.16 9.88
N GLU A 364 -1.72 -18.61 8.75
CA GLU A 364 -1.21 -17.68 7.74
C GLU A 364 -2.41 -17.04 7.01
N VAL A 365 -2.44 -15.72 6.88
CA VAL A 365 -3.52 -15.07 6.19
C VAL A 365 -3.49 -15.45 4.71
N VAL A 366 -4.63 -15.94 4.22
CA VAL A 366 -4.71 -16.28 2.78
C VAL A 366 -5.89 -15.55 2.14
N ILE A 367 -5.77 -15.21 0.86
CA ILE A 367 -6.81 -14.43 0.17
C ILE A 367 -7.19 -15.15 -1.12
N LYS A 368 -8.48 -15.19 -1.44
CA LYS A 368 -8.96 -15.74 -2.75
C LYS A 368 -9.88 -14.67 -3.33
N SER A 369 -9.56 -14.19 -4.55
CA SER A 369 -10.21 -13.02 -5.06
C SER A 369 -9.65 -12.67 -6.43
N ASP A 370 -10.47 -12.10 -7.28
CA ASP A 370 -9.98 -11.50 -8.54
C ASP A 370 -9.11 -10.23 -8.34
N ILE A 371 -9.04 -9.67 -7.14
CA ILE A 371 -8.13 -8.57 -6.87
C ILE A 371 -6.66 -8.99 -6.86
N LEU A 372 -6.41 -10.30 -6.83
CA LEU A 372 -5.04 -10.81 -6.69
C LEU A 372 -4.25 -10.62 -7.94
N LEU A 373 -2.96 -10.46 -7.73
CA LEU A 373 -1.99 -10.41 -8.81
C LEU A 373 -2.12 -11.58 -9.77
N LYS A 374 -1.80 -11.31 -11.00
CA LYS A 374 -1.72 -12.36 -12.01
C LYS A 374 -0.50 -13.25 -11.76
N GLU A 375 0.63 -12.61 -11.47
CA GLU A 375 1.89 -13.31 -11.31
C GLU A 375 2.92 -12.32 -10.75
N TYR A 376 4.03 -12.85 -10.26
CA TYR A 376 5.21 -12.03 -10.09
C TYR A 376 5.96 -11.99 -11.41
N TRP A 377 6.35 -10.80 -11.83
CA TRP A 377 6.89 -10.59 -13.14
C TRP A 377 8.14 -11.44 -13.41
N ASN A 378 8.10 -12.24 -14.48
CA ASN A 378 9.19 -13.15 -14.87
C ASN A 378 9.68 -14.04 -13.75
N ARG A 379 8.78 -14.34 -12.81
CA ARG A 379 9.01 -15.25 -11.71
C ARG A 379 7.92 -16.32 -11.56
N PRO A 380 7.86 -17.28 -12.53
CA PRO A 380 6.74 -18.23 -12.59
C PRO A 380 6.75 -19.19 -11.42
N GLU A 381 7.94 -19.60 -10.99
CA GLU A 381 8.04 -20.53 -9.82
C GLU A 381 7.63 -19.89 -8.48
N ALA A 382 8.13 -18.66 -8.21
CA ALA A 382 7.67 -17.85 -7.12
C ALA A 382 6.16 -17.67 -7.14
N THR A 383 5.58 -17.49 -8.31
CA THR A 383 4.14 -17.31 -8.43
C THR A 383 3.43 -18.60 -8.00
N ARG A 384 3.82 -19.72 -8.57
CA ARG A 384 3.21 -21.00 -8.18
C ARG A 384 3.32 -21.27 -6.69
N ASP A 385 4.47 -20.96 -6.12
CA ASP A 385 4.72 -21.24 -4.71
C ASP A 385 3.89 -20.35 -3.75
N ALA A 386 3.45 -19.20 -4.25
CA ALA A 386 2.64 -18.23 -3.50
C ALA A 386 1.16 -18.60 -3.41
N PHE A 387 0.73 -19.60 -4.16
CA PHE A 387 -0.64 -20.02 -4.20
C PHE A 387 -0.85 -21.45 -3.75
N ASP A 388 -1.95 -21.65 -3.05
CA ASP A 388 -2.42 -22.96 -2.61
C ASP A 388 -3.87 -23.10 -3.03
N ASN A 389 -4.09 -23.77 -4.16
CA ASN A 389 -5.44 -23.95 -4.72
C ASN A 389 -6.24 -22.68 -4.89
N GLY A 390 -5.63 -21.69 -5.49
CA GLY A 390 -6.26 -20.44 -5.75
C GLY A 390 -6.12 -19.46 -4.62
N TRP A 391 -5.71 -19.91 -3.41
CA TRP A 391 -5.54 -19.02 -2.25
C TRP A 391 -4.12 -18.47 -2.27
N PHE A 392 -4.00 -17.14 -2.27
CA PHE A 392 -2.72 -16.46 -2.19
C PHE A 392 -2.20 -16.48 -0.75
N ARG A 393 -1.00 -16.98 -0.54
CA ARG A 393 -0.40 -17.01 0.79
C ARG A 393 0.39 -15.73 1.08
N THR A 394 -0.08 -14.97 2.05
CA THR A 394 0.49 -13.66 2.28
C THR A 394 1.84 -13.71 3.00
N GLY A 395 2.11 -14.76 3.77
CA GLY A 395 3.28 -14.80 4.62
C GLY A 395 3.05 -14.08 5.94
N ASP A 396 1.86 -13.48 6.09
CA ASP A 396 1.53 -12.76 7.32
C ASP A 396 0.70 -13.71 8.19
N ILE A 397 0.85 -13.63 9.51
CA ILE A 397 0.14 -14.50 10.40
CA ILE A 397 0.08 -14.50 10.34
C ILE A 397 -0.97 -13.70 11.07
N GLY A 398 -2.12 -14.32 11.28
CA GLY A 398 -3.15 -13.60 11.99
C GLY A 398 -4.19 -14.54 12.59
N GLU A 399 -5.26 -13.93 13.08
CA GLU A 399 -6.34 -14.68 13.72
C GLU A 399 -7.65 -14.06 13.28
N ILE A 400 -8.62 -14.88 12.89
CA ILE A 400 -9.94 -14.43 12.54
C ILE A 400 -10.84 -14.87 13.69
N ASP A 401 -11.49 -13.93 14.32
CA ASP A 401 -12.39 -14.23 15.42
C ASP A 401 -13.69 -14.85 14.96
N ASP A 402 -14.49 -15.31 15.92
CA ASP A 402 -15.72 -16.02 15.60
C ASP A 402 -16.69 -15.15 14.76
N GLU A 403 -16.52 -13.83 14.79
CA GLU A 403 -17.43 -12.95 14.07
C GLU A 403 -16.82 -12.52 12.71
N GLY A 404 -15.68 -13.10 12.36
CA GLY A 404 -15.06 -12.84 11.09
C GLY A 404 -14.07 -11.69 11.02
N TYR A 405 -13.65 -11.18 12.18
CA TYR A 405 -12.76 -10.03 12.22
C TYR A 405 -11.32 -10.53 12.26
N LEU A 406 -10.53 -10.02 11.33
CA LEU A 406 -9.10 -10.33 11.20
C LEU A 406 -8.25 -9.48 12.15
N TYR A 407 -7.31 -10.14 12.83
CA TYR A 407 -6.32 -9.49 13.69
C TYR A 407 -4.97 -9.93 13.18
N ILE A 408 -4.18 -9.01 12.65
CA ILE A 408 -2.86 -9.36 12.20
C ILE A 408 -1.89 -9.45 13.37
N LYS A 409 -1.19 -10.55 13.42
CA LYS A 409 -0.26 -10.81 14.53
C LYS A 409 1.16 -10.50 14.18
N ASP A 410 1.55 -10.83 12.94
CA ASP A 410 2.93 -10.59 12.50
C ASP A 410 2.95 -10.50 10.98
N ARG A 411 3.93 -9.79 10.46
CA ARG A 411 4.09 -9.61 9.05
C ARG A 411 5.29 -10.39 8.60
N LEU A 412 5.25 -10.77 7.33
CA LEU A 412 6.33 -11.50 6.67
C LEU A 412 7.65 -10.78 6.87
N LYS A 413 7.65 -9.45 6.80
CA LYS A 413 8.89 -8.66 6.92
C LYS A 413 9.64 -8.83 8.22
N ASP A 414 8.93 -9.25 9.26
CA ASP A 414 9.51 -9.43 10.57
C ASP A 414 9.80 -10.88 10.92
N MET A 415 9.44 -11.78 10.01
CA MET A 415 9.70 -13.18 10.21
C MET A 415 11.22 -13.46 10.30
N ILE A 416 11.61 -14.39 11.15
CA ILE A 416 13.02 -14.72 11.39
C ILE A 416 13.31 -16.08 10.78
N ILE A 417 14.39 -16.22 10.03
CA ILE A 417 14.85 -17.54 9.60
C ILE A 417 16.07 -17.96 10.40
N SER A 418 15.90 -18.97 11.25
CA SER A 418 16.93 -19.38 12.18
C SER A 418 17.24 -20.86 11.88
N GLY A 419 18.48 -21.15 11.44
CA GLY A 419 18.85 -22.50 11.01
C GLY A 419 17.87 -23.11 10.01
N GLY A 420 17.42 -22.29 9.06
CA GLY A 420 16.46 -22.75 8.05
C GLY A 420 14.99 -22.88 8.48
N GLU A 421 14.68 -22.59 9.75
CA GLU A 421 13.30 -22.68 10.25
C GLU A 421 12.71 -21.28 10.39
N ASN A 422 11.44 -21.11 10.03
CA ASN A 422 10.78 -19.82 10.13
C ASN A 422 10.24 -19.61 11.52
N VAL A 423 10.52 -18.45 12.12
CA VAL A 423 10.07 -18.11 13.44
C VAL A 423 9.42 -16.74 13.36
N TYR A 424 8.16 -16.61 13.76
CA TYR A 424 7.56 -15.29 13.79
C TYR A 424 7.63 -14.71 15.23
N PRO A 425 7.98 -13.44 15.32
CA PRO A 425 8.20 -12.80 16.61
C PRO A 425 6.98 -12.85 17.53
N ALA A 426 5.76 -12.74 16.99
CA ALA A 426 4.56 -12.69 17.82
C ALA A 426 4.38 -13.97 18.61
N GLU A 427 4.87 -15.07 18.07
CA GLU A 427 4.75 -16.39 18.72
C GLU A 427 5.49 -16.36 20.06
N ILE A 428 6.64 -15.69 20.04
CA ILE A 428 7.50 -15.55 21.22
C ILE A 428 6.97 -14.40 22.09
N GLU A 429 6.73 -13.25 21.47
CA GLU A 429 6.22 -12.11 22.24
C GLU A 429 4.98 -12.45 23.08
N SER A 430 4.04 -13.18 22.51
CA SER A 430 2.79 -13.50 23.23
C SER A 430 2.99 -14.46 24.41
N VAL A 431 4.12 -15.18 24.45
CA VAL A 431 4.45 -16.05 25.58
C VAL A 431 5.17 -15.25 26.70
N ILE A 432 6.17 -14.48 26.29
CA ILE A 432 6.95 -13.69 27.21
C ILE A 432 6.17 -12.58 27.89
N ILE A 433 5.23 -11.95 27.20
CA ILE A 433 4.39 -10.91 27.83
C ILE A 433 3.65 -11.47 29.04
N GLY A 434 3.42 -12.78 29.04
CA GLY A 434 2.83 -13.47 30.19
C GLY A 434 3.66 -13.64 31.45
N VAL A 435 4.99 -13.56 31.34
CA VAL A 435 5.87 -13.77 32.47
C VAL A 435 5.61 -12.66 33.51
N PRO A 436 5.38 -13.03 34.77
CA PRO A 436 5.19 -12.03 35.81
C PRO A 436 6.39 -11.09 35.94
N GLY A 437 6.14 -9.78 35.96
CA GLY A 437 7.17 -8.78 36.02
C GLY A 437 7.66 -8.24 34.68
N VAL A 438 7.29 -8.89 33.58
CA VAL A 438 7.53 -8.36 32.25
C VAL A 438 6.44 -7.36 31.85
N SER A 439 6.82 -6.14 31.47
CA SER A 439 5.80 -5.17 31.05
C SER A 439 5.66 -5.06 29.54
N GLU A 440 6.76 -5.22 28.81
CA GLU A 440 6.72 -5.13 27.37
C GLU A 440 7.77 -6.07 26.79
N VAL A 441 7.51 -6.54 25.58
CA VAL A 441 8.48 -7.40 24.84
C VAL A 441 8.37 -7.18 23.35
N ALA A 442 9.50 -7.09 22.68
CA ALA A 442 9.53 -7.08 21.21
C ALA A 442 10.59 -8.04 20.81
N VAL A 443 10.33 -8.85 19.78
CA VAL A 443 11.30 -9.83 19.27
C VAL A 443 11.71 -9.44 17.85
N ILE A 444 13.02 -9.44 17.64
CA ILE A 444 13.64 -9.23 16.32
C ILE A 444 14.71 -10.27 16.03
N GLY A 445 15.03 -10.43 14.75
CA GLY A 445 16.14 -11.26 14.41
C GLY A 445 17.38 -10.38 14.42
N LEU A 446 18.49 -10.95 14.88
CA LEU A 446 19.80 -10.31 14.82
C LEU A 446 20.68 -11.22 14.01
N PRO A 447 21.61 -10.63 13.24
CA PRO A 447 22.42 -11.47 12.41
C PRO A 447 23.29 -12.40 13.22
N ASP A 448 23.54 -13.59 12.66
CA ASP A 448 24.36 -14.56 13.36
C ASP A 448 25.12 -15.42 12.34
N GLU A 449 26.46 -15.45 12.47
CA GLU A 449 27.30 -16.30 11.59
C GLU A 449 26.74 -17.72 11.43
N LYS A 450 26.34 -18.33 12.53
CA LYS A 450 25.90 -19.74 12.57
C LYS A 450 24.47 -19.98 12.07
N TRP A 451 23.49 -19.32 12.71
CA TRP A 451 22.07 -19.55 12.42
C TRP A 451 21.46 -18.66 11.35
N GLY A 452 22.26 -17.69 10.88
CA GLY A 452 21.77 -16.70 9.92
C GLY A 452 21.13 -15.53 10.65
N GLU A 453 20.05 -15.81 11.34
CA GLU A 453 19.47 -14.88 12.30
C GLU A 453 19.08 -15.67 13.51
N ILE A 454 19.16 -15.02 14.66
CA ILE A 454 18.68 -15.61 15.88
C ILE A 454 17.54 -14.68 16.38
N ALA A 455 16.55 -15.25 17.06
CA ALA A 455 15.50 -14.47 17.67
C ALA A 455 15.99 -13.92 18.97
N ALA A 456 15.99 -12.60 19.09
CA ALA A 456 16.35 -11.87 20.26
C ALA A 456 15.09 -11.24 20.84
N ALA A 457 14.80 -11.54 22.09
CA ALA A 457 13.71 -10.87 22.82
C ALA A 457 14.20 -9.65 23.56
N ILE A 458 13.69 -8.48 23.20
CA ILE A 458 13.99 -7.23 23.89
C ILE A 458 12.87 -7.00 24.93
N VAL A 459 13.24 -7.02 26.19
CA VAL A 459 12.25 -7.14 27.24
C VAL A 459 12.37 -5.96 28.16
N VAL A 460 11.26 -5.32 28.49
CA VAL A 460 11.20 -4.33 29.55
C VAL A 460 10.56 -5.02 30.73
N ALA A 461 11.28 -5.10 31.85
CA ALA A 461 10.80 -5.87 33.01
C ALA A 461 11.37 -5.32 34.29
N ASP A 462 10.75 -5.75 35.38
CA ASP A 462 11.31 -5.61 36.72
C ASP A 462 12.45 -6.58 36.87
N GLN A 463 13.68 -6.12 36.62
CA GLN A 463 14.84 -7.00 36.68
C GLN A 463 15.17 -7.54 38.04
N ASN A 464 14.54 -6.98 39.09
CA ASN A 464 14.58 -7.59 40.42
C ASN A 464 13.75 -8.84 40.57
N GLU A 465 12.75 -9.02 39.70
CA GLU A 465 11.81 -10.14 39.77
C GLU A 465 12.03 -11.15 38.63
N VAL A 466 12.64 -10.69 37.53
CA VAL A 466 12.68 -11.48 36.29
C VAL A 466 14.12 -11.67 35.83
N SER A 467 14.44 -12.88 35.38
CA SER A 467 15.77 -13.16 34.89
C SER A 467 15.70 -13.78 33.48
N GLU A 468 16.81 -13.70 32.77
CA GLU A 468 16.86 -14.18 31.43
C GLU A 468 16.56 -15.68 31.46
N GLN A 469 17.16 -16.38 32.43
CA GLN A 469 16.98 -17.84 32.47
C GLN A 469 15.57 -18.25 32.70
N GLN A 470 14.91 -17.46 33.52
CA GLN A 470 13.54 -17.73 33.87
C GLN A 470 12.62 -17.54 32.66
N ILE A 471 12.84 -16.47 31.89
CA ILE A 471 12.06 -16.27 30.67
C ILE A 471 12.33 -17.45 29.75
N VAL A 472 13.57 -17.86 29.58
CA VAL A 472 13.82 -18.86 28.52
C VAL A 472 13.30 -20.22 28.96
N GLU A 473 13.59 -20.60 30.19
CA GLU A 473 13.01 -21.83 30.70
C GLU A 473 11.48 -21.74 30.72
N TYR A 474 10.90 -20.59 30.99
CA TYR A 474 9.43 -20.44 30.87
C TYR A 474 8.92 -20.63 29.44
N CYS A 475 9.58 -19.99 28.49
CA CYS A 475 9.28 -20.17 27.06
C CYS A 475 9.33 -21.65 26.64
N GLY A 476 10.30 -22.38 27.17
CA GLY A 476 10.48 -23.81 26.87
C GLY A 476 9.29 -24.68 27.25
N THR A 477 8.31 -24.05 27.90
CA THR A 477 7.07 -24.66 28.37
C THR A 477 6.02 -24.61 27.28
N ARG A 478 6.04 -23.54 26.50
CA ARG A 478 4.96 -23.29 25.56
C ARG A 478 5.38 -23.40 24.08
N LEU A 479 6.68 -23.39 23.80
CA LEU A 479 7.16 -23.29 22.43
C LEU A 479 8.11 -24.42 22.10
N ALA A 480 8.00 -24.91 20.88
CA ALA A 480 9.02 -25.80 20.37
C ALA A 480 10.43 -25.22 20.64
N ARG A 481 11.38 -26.11 20.87
CA ARG A 481 12.77 -25.73 21.17
C ARG A 481 13.37 -24.73 20.15
N TYR A 482 13.17 -24.94 18.84
CA TYR A 482 13.76 -24.07 17.80
C TYR A 482 13.20 -22.66 17.80
N LYS A 483 12.04 -22.46 18.44
CA LYS A 483 11.40 -21.17 18.56
C LYS A 483 11.79 -20.36 19.81
N LEU A 484 12.56 -20.93 20.72
CA LEU A 484 12.98 -20.23 21.91
C LEU A 484 13.87 -19.09 21.48
N PRO A 485 13.74 -17.91 22.15
CA PRO A 485 14.63 -16.80 21.91
C PRO A 485 16.05 -17.24 22.22
N LYS A 486 17.00 -16.88 21.35
CA LYS A 486 18.39 -17.26 21.57
C LYS A 486 19.17 -16.19 22.32
N LYS A 487 18.61 -15.01 22.47
CA LYS A 487 19.17 -13.97 23.30
C LYS A 487 17.98 -13.29 23.98
N VAL A 488 18.10 -12.96 25.25
CA VAL A 488 17.14 -12.10 25.89
C VAL A 488 17.90 -10.83 26.31
N ILE A 489 17.36 -9.68 25.94
CA ILE A 489 18.02 -8.39 26.19
C ILE A 489 17.05 -7.55 27.00
N PHE A 490 17.42 -7.19 28.24
CA PHE A 490 16.61 -6.28 29.01
C PHE A 490 16.91 -4.87 28.55
N ALA A 491 15.87 -4.07 28.44
CA ALA A 491 15.99 -2.64 28.06
C ALA A 491 15.18 -1.85 29.02
N GLU A 492 15.53 -0.57 29.17
CA GLU A 492 14.68 0.31 29.93
C GLU A 492 13.46 0.74 29.11
N ALA A 493 13.57 0.70 27.78
CA ALA A 493 12.54 1.17 26.86
C ALA A 493 12.74 0.55 25.49
N ILE A 494 11.61 0.33 24.83
CA ILE A 494 11.52 -0.09 23.46
C ILE A 494 11.09 1.12 22.59
N PRO A 495 11.67 1.23 21.39
CA PRO A 495 11.33 2.39 20.54
C PRO A 495 9.91 2.30 19.96
N ARG A 496 9.10 3.31 20.23
CA ARG A 496 7.76 3.38 19.67
C ARG A 496 7.51 4.74 19.04
N ASN A 497 6.60 4.77 18.07
CA ASN A 497 6.32 6.04 17.39
C ASN A 497 5.24 6.79 18.19
N PRO A 498 4.84 8.02 17.79
CA PRO A 498 3.86 8.68 18.67
C PRO A 498 2.48 8.03 18.81
N THR A 499 2.14 7.18 17.82
CA THR A 499 0.87 6.46 17.83
C THR A 499 1.03 5.06 18.44
N GLY A 500 2.17 4.79 19.07
CA GLY A 500 2.39 3.60 19.89
C GLY A 500 2.88 2.32 19.24
N LYS A 501 3.12 2.34 17.93
CA LYS A 501 3.67 1.19 17.21
C LYS A 501 5.13 0.92 17.58
N ILE A 502 5.45 -0.33 17.92
CA ILE A 502 6.84 -0.73 18.18
C ILE A 502 7.56 -0.62 16.85
N LEU A 503 8.71 0.06 16.87
CA LEU A 503 9.49 0.32 15.67
C LEU A 503 10.60 -0.73 15.58
N LYS A 504 10.29 -1.87 14.99
CA LYS A 504 11.31 -2.93 14.84
C LYS A 504 12.55 -2.54 14.01
N THR A 505 12.40 -1.61 13.07
CA THR A 505 13.57 -1.14 12.31
C THR A 505 14.54 -0.39 13.25
N VAL A 506 13.98 0.39 14.16
CA VAL A 506 14.79 1.08 15.20
C VAL A 506 15.45 0.05 16.16
N LEU A 507 14.67 -0.94 16.61
CA LEU A 507 15.26 -1.98 17.41
C LEU A 507 16.44 -2.61 16.76
N ARG A 508 16.32 -2.97 15.46
CA ARG A 508 17.43 -3.62 14.76
C ARG A 508 18.66 -2.72 14.69
N GLU A 509 18.44 -1.41 14.54
CA GLU A 509 19.50 -0.42 14.57
C GLU A 509 20.15 -0.35 15.93
N GLN A 510 19.33 -0.30 16.96
CA GLN A 510 19.82 -0.18 18.31
C GLN A 510 20.76 -1.33 18.65
N TYR A 511 20.31 -2.55 18.40
CA TYR A 511 21.05 -3.71 18.76
C TYR A 511 22.07 -4.24 17.74
N SER A 512 22.29 -3.50 16.64
CA SER A 512 23.35 -3.88 15.73
C SER A 512 24.70 -3.84 16.44
N ALA A 513 24.81 -3.04 17.51
CA ALA A 513 26.08 -2.97 18.26
C ALA A 513 26.41 -4.23 19.05
N THR A 514 25.47 -5.15 19.18
CA THR A 514 25.66 -6.34 20.00
C THR A 514 26.13 -7.56 19.20
N VAL A 515 26.25 -7.42 17.89
CA VAL A 515 26.59 -8.56 17.07
C VAL A 515 27.72 -8.18 16.14
N PRO A 516 28.52 -9.19 15.75
CA PRO A 516 29.69 -8.92 14.91
C PRO A 516 29.31 -8.32 13.57
#